data_3VTC
#
_entry.id   3VTC
#
_cell.length_a   126.847
_cell.length_b   45.733
_cell.length_c   46.638
_cell.angle_alpha   90.00
_cell.angle_beta   93.87
_cell.angle_gamma   90.00
#
_symmetry.space_group_name_H-M   'C 1 2 1'
#
loop_
_entity.id
_entity.type
_entity.pdbx_description
1 polymer 'Vitamin D3 receptor'
2 polymer 'COACTIVATOR PEPTIDE DRIP'
3 non-polymer (1R,3R,7E,17beta)-17-{(2R,6R)-6-hydroxy-7-[(3S,5S,7S)-tricyclo[3.3.1.1~3,7~]dec-1-yl]hept-4-yn-2-yl}-2-methylidene-9,10-secoestra-5,7-diene-1,3-diol
4 non-polymer 1,2-ETHANEDIOL
5 water water
#
loop_
_entity_poly.entity_id
_entity_poly.type
_entity_poly.pdbx_seq_one_letter_code
_entity_poly.pdbx_strand_id
1 'polypeptide(L)'
;GSHMGSPNSPLKDSLRPKLSEEQQHIIAILLDAHHKTYDPTYADFRDFRPPVRMDGSTGSVTLDLSPLSMLPHLADLVSY
SIQKVIGFAKMIPGFRDLTSDDQIVLLKSSAIEVIMLRSNQSFTMDDMSWDCGSQDYKYDVTDVSKAGHTLELIEPLIKF
QVGLKKLNLHEEEHVLLMAICIVSPDRPGVQDAKLVEAIQDRLSNTLQTYIRCRHPPPGSHQLYAKMIQKLADLRSLNEE
HSKQYRSLSFQPENSMKLTPLVLEVFGNEIS
;
A
2 'polypeptide(L)' KNHPMLMNLLKDN B
#
loop_
_chem_comp.id
_chem_comp.type
_chem_comp.name
_chem_comp.formula
EDO non-polymer 1,2-ETHANEDIOL 'C2 H6 O2'
TK3 non-polymer (1R,3R,7E,17beta)-17-{(2R,6R)-6-hydroxy-7-[(3S,5S,7S)-tricyclo[3.3.1.1~3,7~]dec-1-yl]hept-4-yn-2-yl}-2-methylidene-9,10-secoestra-5,7-diene-1,3-diol 'C36 H52 O3'
#
# COMPACT_ATOMS: atom_id res chain seq x y z
N LYS A 18 -25.20 10.57 10.17
CA LYS A 18 -25.52 11.23 8.87
C LYS A 18 -24.98 10.42 7.71
N LEU A 19 -24.34 9.29 8.01
CA LEU A 19 -23.79 8.42 6.98
C LEU A 19 -24.96 7.71 6.31
N SER A 20 -25.08 7.87 5.00
CA SER A 20 -26.17 7.23 4.26
C SER A 20 -26.04 5.72 4.39
N GLU A 21 -27.07 5.01 3.95
CA GLU A 21 -27.07 3.56 4.02
C GLU A 21 -25.97 3.03 3.11
N GLU A 22 -25.83 3.65 1.95
CA GLU A 22 -24.81 3.24 0.97
C GLU A 22 -23.40 3.48 1.50
N GLN A 23 -23.21 4.60 2.18
CA GLN A 23 -21.89 4.91 2.73
C GLN A 23 -21.50 3.92 3.82
N GLN A 24 -22.47 3.52 4.65
CA GLN A 24 -22.18 2.54 5.69
C GLN A 24 -21.83 1.21 5.04
N HIS A 25 -22.50 0.91 3.93
CA HIS A 25 -22.26 -0.33 3.19
C HIS A 25 -20.84 -0.34 2.63
N ILE A 26 -20.43 0.79 2.05
CA ILE A 26 -19.08 0.91 1.48
C ILE A 26 -18.05 0.63 2.57
N ILE A 27 -18.23 1.23 3.73
CA ILE A 27 -17.30 1.04 4.83
C ILE A 27 -17.31 -0.41 5.31
N ALA A 28 -18.49 -1.01 5.43
CA ALA A 28 -18.60 -2.40 5.86
C ALA A 28 -17.84 -3.32 4.91
N ILE A 29 -17.98 -3.06 3.61
CA ILE A 29 -17.31 -3.86 2.60
C ILE A 29 -15.79 -3.70 2.68
N LEU A 30 -15.32 -2.47 2.85
CA LEU A 30 -13.88 -2.22 2.94
C LEU A 30 -13.24 -2.80 4.19
N LEU A 31 -13.96 -2.78 5.32
CA LEU A 31 -13.42 -3.33 6.55
C LEU A 31 -13.28 -4.84 6.39
N ASP A 32 -14.30 -5.47 5.83
CA ASP A 32 -14.27 -6.91 5.61
C ASP A 32 -13.13 -7.25 4.66
N ALA A 33 -12.96 -6.42 3.62
CA ALA A 33 -11.91 -6.64 2.64
C ALA A 33 -10.52 -6.55 3.26
N HIS A 34 -10.31 -5.54 4.11
CA HIS A 34 -9.02 -5.38 4.74
C HIS A 34 -8.73 -6.52 5.71
N HIS A 35 -9.73 -6.90 6.51
CA HIS A 35 -9.55 -7.97 7.48
C HIS A 35 -9.17 -9.29 6.83
N LYS A 36 -9.71 -9.56 5.64
CA LYS A 36 -9.37 -10.82 4.98
C LYS A 36 -8.06 -10.76 4.21
N THR A 37 -7.48 -9.57 4.06
CA THR A 37 -6.23 -9.42 3.33
C THR A 37 -5.07 -8.90 4.18
N TYR A 38 -5.33 -8.68 5.46
CA TYR A 38 -4.28 -8.22 6.37
C TYR A 38 -4.37 -8.98 7.68
N ASP A 39 -3.48 -9.94 7.84
CA ASP A 39 -3.43 -10.76 9.05
C ASP A 39 -2.54 -10.06 10.07
N PRO A 40 -3.15 -9.53 11.14
CA PRO A 40 -2.40 -8.83 12.19
C PRO A 40 -1.43 -9.70 13.00
N THR A 41 -1.42 -11.00 12.74
CA THR A 41 -0.51 -11.90 13.45
C THR A 41 0.70 -12.19 12.59
N TYR A 42 0.62 -11.84 11.30
CA TYR A 42 1.71 -12.04 10.36
C TYR A 42 2.22 -13.47 10.29
N ALA A 43 1.30 -14.42 10.46
CA ALA A 43 1.67 -15.84 10.45
C ALA A 43 2.32 -16.31 9.15
N ASP A 44 1.88 -15.78 8.02
CA ASP A 44 2.44 -16.19 6.73
C ASP A 44 3.89 -15.79 6.51
N PHE A 45 4.40 -14.87 7.31
CA PHE A 45 5.79 -14.43 7.16
C PHE A 45 6.78 -15.57 7.32
N ARG A 46 6.35 -16.63 8.00
CA ARG A 46 7.22 -17.79 8.20
C ARG A 46 7.49 -18.53 6.89
N ASP A 47 6.66 -18.26 5.88
CA ASP A 47 6.81 -18.91 4.58
C ASP A 47 7.78 -18.16 3.66
N PHE A 48 8.21 -16.98 4.07
CA PHE A 48 9.13 -16.18 3.25
C PHE A 48 10.56 -16.70 3.42
N ARG A 49 11.41 -16.37 2.45
CA ARG A 49 12.81 -16.75 2.58
C ARG A 49 13.21 -16.01 3.86
N PRO A 50 14.04 -16.63 4.70
CA PRO A 50 14.46 -16.01 5.97
C PRO A 50 15.23 -14.70 5.92
N PRO A 51 14.97 -13.82 6.89
CA PRO A 51 15.69 -12.55 6.93
C PRO A 51 17.11 -12.84 7.40
N VAL A 52 18.07 -12.11 6.85
CA VAL A 52 19.47 -12.30 7.23
C VAL A 52 20.03 -10.93 7.60
N ARG A 53 20.46 -10.81 8.85
CA ARG A 53 21.04 -9.58 9.37
C ARG A 53 22.45 -9.87 9.85
N MET A 54 23.44 -9.30 9.17
CA MET A 54 24.83 -9.51 9.54
C MET A 54 25.67 -8.27 9.26
N SER A 66 27.43 -10.62 -1.91
CA SER A 66 26.13 -9.89 -1.89
C SER A 66 25.84 -9.35 -0.50
N PRO A 67 26.06 -8.05 -0.29
CA PRO A 67 25.81 -7.39 0.99
C PRO A 67 24.33 -7.15 1.28
N LEU A 68 23.49 -7.35 0.26
CA LEU A 68 22.05 -7.15 0.41
C LEU A 68 21.39 -8.40 1.00
N SER A 69 21.77 -8.71 2.24
CA SER A 69 21.27 -9.89 2.94
C SER A 69 19.77 -9.93 3.21
N MET A 70 19.12 -8.77 3.25
CA MET A 70 17.68 -8.72 3.52
C MET A 70 16.83 -8.64 2.25
N LEU A 71 17.47 -8.66 1.09
CA LEU A 71 16.74 -8.57 -0.17
C LEU A 71 15.76 -9.74 -0.38
N PRO A 72 16.21 -10.98 -0.17
CA PRO A 72 15.30 -12.10 -0.37
C PRO A 72 14.03 -11.99 0.48
N HIS A 73 14.21 -11.75 1.78
CA HIS A 73 13.09 -11.64 2.68
C HIS A 73 12.15 -10.49 2.36
N LEU A 74 12.71 -9.29 2.15
CA LEU A 74 11.86 -8.15 1.85
C LEU A 74 11.21 -8.27 0.48
N ALA A 75 11.86 -8.95 -0.45
CA ALA A 75 11.27 -9.14 -1.78
C ALA A 75 10.04 -10.01 -1.59
N ASP A 76 10.15 -11.03 -0.75
CA ASP A 76 9.03 -11.92 -0.49
C ASP A 76 7.92 -11.19 0.26
N LEU A 77 8.30 -10.35 1.23
CA LEU A 77 7.31 -9.58 1.98
C LEU A 77 6.53 -8.66 1.05
N VAL A 78 7.26 -7.98 0.16
CA VAL A 78 6.61 -7.08 -0.78
C VAL A 78 5.75 -7.84 -1.79
N SER A 79 6.23 -8.98 -2.28
CA SER A 79 5.47 -9.77 -3.25
C SER A 79 4.17 -10.23 -2.60
N TYR A 80 4.27 -10.70 -1.37
CA TYR A 80 3.11 -11.15 -0.58
C TYR A 80 2.14 -9.98 -0.43
N SER A 81 2.69 -8.82 -0.10
CA SER A 81 1.89 -7.62 0.08
C SER A 81 1.19 -7.19 -1.20
N ILE A 82 1.84 -7.38 -2.35
CA ILE A 82 1.21 -7.05 -3.62
C ILE A 82 -0.03 -7.94 -3.80
N GLN A 83 0.10 -9.23 -3.51
CA GLN A 83 -1.03 -10.13 -3.65
C GLN A 83 -2.19 -9.68 -2.77
N LYS A 84 -1.88 -9.27 -1.55
CA LYS A 84 -2.91 -8.82 -0.63
C LYS A 84 -3.55 -7.49 -1.07
N VAL A 85 -2.75 -6.59 -1.62
CA VAL A 85 -3.29 -5.31 -2.09
C VAL A 85 -4.26 -5.56 -3.24
N ILE A 86 -3.93 -6.50 -4.11
CA ILE A 86 -4.80 -6.84 -5.23
C ILE A 86 -6.09 -7.44 -4.67
N GLY A 87 -5.95 -8.26 -3.64
CA GLY A 87 -7.11 -8.88 -3.01
C GLY A 87 -8.03 -7.84 -2.40
N PHE A 88 -7.45 -6.78 -1.84
CA PHE A 88 -8.22 -5.70 -1.24
C PHE A 88 -8.90 -4.91 -2.36
N ALA A 89 -8.12 -4.54 -3.37
CA ALA A 89 -8.62 -3.77 -4.49
C ALA A 89 -9.83 -4.39 -5.18
N LYS A 90 -9.78 -5.70 -5.42
CA LYS A 90 -10.88 -6.37 -6.10
C LYS A 90 -12.20 -6.29 -5.34
N MET A 91 -12.13 -5.93 -4.06
CA MET A 91 -13.32 -5.82 -3.21
C MET A 91 -13.88 -4.40 -3.13
N ILE A 92 -13.13 -3.43 -3.63
CA ILE A 92 -13.59 -2.05 -3.60
C ILE A 92 -14.83 -1.96 -4.50
N PRO A 93 -15.96 -1.51 -3.96
CA PRO A 93 -17.18 -1.40 -4.78
C PRO A 93 -16.93 -0.70 -6.11
N GLY A 94 -17.21 -1.41 -7.20
CA GLY A 94 -17.04 -0.83 -8.52
C GLY A 94 -15.73 -1.11 -9.23
N PHE A 95 -14.68 -1.41 -8.47
CA PHE A 95 -13.37 -1.65 -9.06
C PHE A 95 -13.38 -2.76 -10.12
N ARG A 96 -14.01 -3.89 -9.80
CA ARG A 96 -14.06 -5.00 -10.74
C ARG A 96 -14.93 -4.69 -11.97
N ASP A 97 -15.66 -3.59 -11.92
CA ASP A 97 -16.52 -3.21 -13.05
C ASP A 97 -15.82 -2.27 -14.02
N LEU A 98 -14.55 -1.98 -13.75
CA LEU A 98 -13.76 -1.15 -14.65
C LEU A 98 -13.18 -2.17 -15.63
N THR A 99 -12.64 -1.70 -16.76
CA THR A 99 -12.05 -2.64 -17.70
C THR A 99 -10.83 -3.28 -17.05
N SER A 100 -10.46 -4.47 -17.50
CA SER A 100 -9.30 -5.15 -16.93
C SER A 100 -8.03 -4.31 -17.13
N ASP A 101 -7.92 -3.64 -18.27
CA ASP A 101 -6.75 -2.81 -18.54
C ASP A 101 -6.63 -1.68 -17.52
N ASP A 102 -7.75 -1.04 -17.18
CA ASP A 102 -7.70 0.05 -16.21
C ASP A 102 -7.40 -0.48 -14.82
N GLN A 103 -7.93 -1.66 -14.49
CA GLN A 103 -7.67 -2.25 -13.17
C GLN A 103 -6.17 -2.48 -13.05
N ILE A 104 -5.56 -2.96 -14.12
CA ILE A 104 -4.12 -3.21 -14.15
C ILE A 104 -3.32 -1.92 -13.98
N VAL A 105 -3.69 -0.88 -14.73
CA VAL A 105 -3.00 0.40 -14.64
C VAL A 105 -3.08 0.96 -13.22
N LEU A 106 -4.27 0.91 -12.63
CA LEU A 106 -4.46 1.42 -11.29
C LEU A 106 -3.65 0.66 -10.24
N LEU A 107 -3.60 -0.66 -10.36
CA LEU A 107 -2.86 -1.45 -9.38
C LEU A 107 -1.34 -1.33 -9.55
N LYS A 108 -0.86 -1.31 -10.79
CA LYS A 108 0.58 -1.19 -11.01
C LYS A 108 1.10 0.14 -10.45
N SER A 109 0.31 1.20 -10.61
CA SER A 109 0.73 2.51 -10.15
C SER A 109 0.52 2.78 -8.66
N SER A 110 -0.43 2.09 -8.04
CA SER A 110 -0.69 2.31 -6.63
C SER A 110 -0.10 1.28 -5.68
N ALA A 111 0.28 0.12 -6.19
CA ALA A 111 0.79 -0.96 -5.34
C ALA A 111 1.78 -0.55 -4.26
N ILE A 112 2.88 0.09 -4.64
CA ILE A 112 3.87 0.47 -3.63
C ILE A 112 3.32 1.48 -2.64
N GLU A 113 2.44 2.37 -3.11
CA GLU A 113 1.84 3.37 -2.23
C GLU A 113 0.93 2.71 -1.20
N VAL A 114 0.13 1.74 -1.64
CA VAL A 114 -0.78 1.06 -0.74
C VAL A 114 0.00 0.19 0.25
N ILE A 115 1.13 -0.36 -0.19
CA ILE A 115 1.95 -1.16 0.71
C ILE A 115 2.49 -0.22 1.79
N MET A 116 2.89 0.99 1.40
CA MET A 116 3.38 1.95 2.39
C MET A 116 2.26 2.30 3.37
N LEU A 117 1.06 2.52 2.85
CA LEU A 117 -0.08 2.84 3.72
C LEU A 117 -0.44 1.70 4.67
N ARG A 118 -0.60 0.49 4.14
CA ARG A 118 -0.98 -0.63 4.98
C ARG A 118 0.10 -0.99 5.99
N SER A 119 1.35 -0.69 5.65
CA SER A 119 2.46 -1.00 6.55
C SER A 119 2.41 -0.13 7.81
N ASN A 120 1.65 0.95 7.76
CA ASN A 120 1.57 1.83 8.92
C ASN A 120 0.98 1.08 10.11
N GLN A 121 0.22 0.01 9.83
CA GLN A 121 -0.39 -0.77 10.90
C GLN A 121 0.65 -1.48 11.76
N SER A 122 1.77 -1.87 11.16
CA SER A 122 2.84 -2.54 11.91
C SER A 122 3.90 -1.54 12.38
N PHE A 123 3.93 -0.36 11.76
CA PHE A 123 4.91 0.65 12.11
C PHE A 123 4.71 1.16 13.53
N THR A 124 5.81 1.38 14.24
CA THR A 124 5.75 1.89 15.61
C THR A 124 6.79 3.00 15.79
N MET A 125 6.36 4.11 16.37
CA MET A 125 7.24 5.24 16.60
C MET A 125 8.15 4.99 17.80
N ASP A 126 7.88 3.91 18.53
CA ASP A 126 8.67 3.54 19.70
C ASP A 126 10.16 3.54 19.31
N ASP A 127 10.48 2.90 18.20
CA ASP A 127 11.85 2.84 17.72
C ASP A 127 11.94 2.96 16.21
N MET A 128 10.94 3.60 15.61
CA MET A 128 10.90 3.82 14.17
C MET A 128 11.11 2.57 13.34
N SER A 129 10.28 1.56 13.59
CA SER A 129 10.40 0.31 12.84
C SER A 129 9.04 -0.32 12.58
N TRP A 130 9.04 -1.32 11.70
CA TRP A 130 7.82 -2.04 11.38
C TRP A 130 7.89 -3.33 12.19
N ASP A 131 7.08 -3.40 13.25
CA ASP A 131 7.05 -4.53 14.16
C ASP A 131 5.99 -5.55 13.79
N CYS A 132 6.40 -6.66 13.18
CA CYS A 132 5.46 -7.68 12.77
C CYS A 132 5.36 -8.91 13.68
N GLY A 133 5.35 -8.67 15.00
CA GLY A 133 5.19 -9.76 15.94
C GLY A 133 6.40 -10.38 16.61
N SER A 134 7.55 -10.34 15.96
CA SER A 134 8.75 -10.93 16.55
C SER A 134 10.01 -10.20 16.10
N GLN A 135 11.11 -10.44 16.81
CA GLN A 135 12.38 -9.80 16.49
C GLN A 135 12.79 -10.10 15.04
N ASP A 136 12.57 -11.34 14.62
CA ASP A 136 12.92 -11.74 13.27
C ASP A 136 12.14 -10.97 12.21
N TYR A 137 10.92 -10.59 12.53
CA TYR A 137 10.07 -9.86 11.59
C TYR A 137 9.83 -8.42 12.05
N LYS A 138 10.88 -7.80 12.57
CA LYS A 138 10.83 -6.40 13.00
C LYS A 138 11.85 -5.74 12.09
N TYR A 139 11.40 -4.83 11.25
CA TYR A 139 12.29 -4.19 10.29
C TYR A 139 12.60 -2.73 10.57
N ASP A 140 13.89 -2.40 10.60
CA ASP A 140 14.32 -1.04 10.85
C ASP A 140 15.07 -0.47 9.65
N VAL A 141 15.59 0.74 9.79
CA VAL A 141 16.33 1.39 8.72
C VAL A 141 17.48 0.54 8.18
N THR A 142 18.23 -0.08 9.09
CA THR A 142 19.35 -0.91 8.67
C THR A 142 18.90 -2.07 7.80
N ASP A 143 17.77 -2.68 8.15
CA ASP A 143 17.25 -3.80 7.38
C ASP A 143 16.92 -3.38 5.95
N VAL A 144 16.30 -2.21 5.81
CA VAL A 144 15.94 -1.73 4.48
C VAL A 144 17.22 -1.39 3.70
N SER A 145 18.24 -0.96 4.43
CA SER A 145 19.52 -0.63 3.81
C SER A 145 20.12 -1.90 3.23
N LYS A 146 19.85 -3.03 3.88
CA LYS A 146 20.36 -4.31 3.44
C LYS A 146 19.52 -4.92 2.31
N ALA A 147 18.64 -4.11 1.73
CA ALA A 147 17.82 -4.54 0.60
C ALA A 147 18.14 -3.64 -0.60
N GLY A 148 19.13 -2.77 -0.43
CA GLY A 148 19.54 -1.90 -1.52
C GLY A 148 19.34 -0.40 -1.39
N HIS A 149 18.46 0.01 -0.48
CA HIS A 149 18.15 1.43 -0.28
C HIS A 149 19.25 2.24 0.41
N THR A 150 19.40 3.49 -0.04
CA THR A 150 20.37 4.38 0.58
C THR A 150 19.67 4.95 1.81
N LEU A 151 20.43 5.38 2.82
CA LEU A 151 19.82 5.93 4.02
C LEU A 151 19.03 7.18 3.67
N GLU A 152 19.49 7.91 2.65
CA GLU A 152 18.84 9.13 2.20
C GLU A 152 17.43 8.86 1.68
N LEU A 153 17.26 7.72 1.01
CA LEU A 153 15.96 7.36 0.46
C LEU A 153 15.03 6.79 1.53
N ILE A 154 15.60 6.19 2.56
CA ILE A 154 14.80 5.60 3.63
C ILE A 154 14.19 6.65 4.56
N GLU A 155 14.95 7.70 4.87
CA GLU A 155 14.49 8.75 5.78
C GLU A 155 13.10 9.32 5.49
N PRO A 156 12.84 9.76 4.25
CA PRO A 156 11.51 10.31 3.96
C PRO A 156 10.38 9.32 4.22
N LEU A 157 10.64 8.04 4.00
CA LEU A 157 9.63 7.03 4.22
C LEU A 157 9.32 6.91 5.71
N ILE A 158 10.37 6.96 6.53
CA ILE A 158 10.17 6.88 7.98
C ILE A 158 9.36 8.10 8.42
N LYS A 159 9.75 9.27 7.92
CA LYS A 159 9.04 10.51 8.26
C LYS A 159 7.57 10.41 7.87
N PHE A 160 7.32 9.82 6.70
CA PHE A 160 5.95 9.64 6.22
C PHE A 160 5.17 8.76 7.19
N GLN A 161 5.77 7.65 7.61
CA GLN A 161 5.12 6.72 8.53
C GLN A 161 4.80 7.40 9.86
N VAL A 162 5.72 8.22 10.35
CA VAL A 162 5.50 8.92 11.62
C VAL A 162 4.32 9.89 11.51
N GLY A 163 4.29 10.66 10.42
CA GLY A 163 3.20 11.61 10.22
C GLY A 163 1.85 10.92 10.09
N LEU A 164 1.83 9.78 9.39
CA LEU A 164 0.60 9.05 9.20
C LEU A 164 0.14 8.41 10.51
N LYS A 165 1.08 7.87 11.27
CA LYS A 165 0.74 7.23 12.54
C LYS A 165 0.12 8.25 13.47
N LYS A 166 0.64 9.47 13.46
CA LYS A 166 0.14 10.52 14.34
C LYS A 166 -1.30 10.97 14.04
N LEU A 167 -1.83 10.60 12.89
CA LEU A 167 -3.21 10.96 12.57
C LEU A 167 -4.19 10.10 13.36
N ASN A 168 -3.68 9.02 13.95
CA ASN A 168 -4.50 8.10 14.73
C ASN A 168 -5.79 7.76 14.01
N LEU A 169 -5.67 7.34 12.76
CA LEU A 169 -6.83 7.01 11.95
C LEU A 169 -7.67 5.86 12.47
N HIS A 170 -8.99 5.99 12.32
CA HIS A 170 -9.90 4.91 12.70
C HIS A 170 -9.68 3.91 11.59
N GLU A 171 -9.92 2.63 11.85
CA GLU A 171 -9.70 1.64 10.78
C GLU A 171 -10.56 1.99 9.58
N GLU A 172 -11.74 2.57 9.83
CA GLU A 172 -12.63 2.96 8.74
C GLU A 172 -11.95 3.96 7.82
N GLU A 173 -11.28 4.94 8.40
CA GLU A 173 -10.57 5.97 7.65
C GLU A 173 -9.37 5.37 6.90
N HIS A 174 -8.69 4.44 7.56
CA HIS A 174 -7.52 3.76 7.01
C HIS A 174 -7.89 3.00 5.73
N VAL A 175 -8.95 2.20 5.77
CA VAL A 175 -9.35 1.43 4.60
C VAL A 175 -9.90 2.33 3.49
N LEU A 176 -10.57 3.41 3.86
CA LEU A 176 -11.07 4.33 2.84
C LEU A 176 -9.89 5.00 2.15
N LEU A 177 -8.87 5.37 2.93
CA LEU A 177 -7.69 6.02 2.37
C LEU A 177 -6.99 5.11 1.36
N MET A 178 -6.85 3.83 1.70
CA MET A 178 -6.21 2.90 0.77
C MET A 178 -7.04 2.75 -0.51
N ALA A 179 -8.36 2.69 -0.36
CA ALA A 179 -9.24 2.55 -1.51
C ALA A 179 -9.15 3.78 -2.42
N ILE A 180 -9.16 4.96 -1.82
CA ILE A 180 -9.08 6.21 -2.57
C ILE A 180 -7.76 6.27 -3.35
N CYS A 181 -6.70 5.80 -2.72
CA CYS A 181 -5.38 5.77 -3.33
C CYS A 181 -5.40 4.90 -4.59
N ILE A 182 -6.02 3.73 -4.48
CA ILE A 182 -6.10 2.81 -5.60
C ILE A 182 -6.92 3.34 -6.78
N VAL A 183 -8.11 3.89 -6.53
CA VAL A 183 -8.92 4.42 -7.63
C VAL A 183 -8.66 5.91 -7.87
N SER A 184 -7.44 6.22 -8.29
CA SER A 184 -7.05 7.60 -8.58
C SER A 184 -7.17 7.76 -10.10
N PRO A 185 -8.07 8.65 -10.55
CA PRO A 185 -8.29 8.87 -11.97
C PRO A 185 -7.17 9.48 -12.81
N ASP A 186 -6.15 10.03 -12.16
CA ASP A 186 -5.05 10.67 -12.88
C ASP A 186 -3.85 9.80 -13.22
N ARG A 187 -3.86 8.54 -12.82
CA ARG A 187 -2.72 7.67 -13.12
C ARG A 187 -2.53 7.62 -14.65
N PRO A 188 -1.29 7.80 -15.12
CA PRO A 188 -1.10 7.75 -16.57
C PRO A 188 -1.49 6.38 -17.13
N GLY A 189 -2.17 6.38 -18.28
CA GLY A 189 -2.59 5.13 -18.88
C GLY A 189 -4.05 4.79 -18.68
N VAL A 190 -4.68 5.42 -17.69
CA VAL A 190 -6.09 5.16 -17.43
C VAL A 190 -6.93 5.62 -18.61
N GLN A 191 -7.80 4.75 -19.09
CA GLN A 191 -8.65 5.07 -20.23
C GLN A 191 -9.96 5.71 -19.81
N ASP A 192 -10.69 5.05 -18.91
CA ASP A 192 -11.97 5.56 -18.44
C ASP A 192 -11.80 6.35 -17.15
N ALA A 193 -11.09 7.46 -17.23
CA ALA A 193 -10.85 8.30 -16.06
C ALA A 193 -12.12 8.75 -15.35
N LYS A 194 -13.17 9.03 -16.13
CA LYS A 194 -14.44 9.47 -15.55
C LYS A 194 -15.07 8.38 -14.68
N LEU A 195 -14.93 7.13 -15.09
CA LEU A 195 -15.48 6.01 -14.31
C LEU A 195 -14.67 5.82 -13.04
N VAL A 196 -13.36 5.96 -13.15
CA VAL A 196 -12.50 5.82 -11.98
C VAL A 196 -12.82 6.94 -11.01
N GLU A 197 -13.00 8.15 -11.53
CA GLU A 197 -13.33 9.30 -10.71
C GLU A 197 -14.67 9.12 -10.01
N ALA A 198 -15.62 8.49 -10.68
CA ALA A 198 -16.95 8.27 -10.09
C ALA A 198 -16.82 7.44 -8.83
N ILE A 199 -16.00 6.39 -8.88
CA ILE A 199 -15.79 5.53 -7.72
C ILE A 199 -15.06 6.31 -6.64
N GLN A 200 -13.98 6.99 -7.00
CA GLN A 200 -13.22 7.74 -6.02
C GLN A 200 -14.08 8.78 -5.32
N ASP A 201 -14.94 9.46 -6.07
CA ASP A 201 -15.79 10.47 -5.46
C ASP A 201 -16.73 9.87 -4.43
N ARG A 202 -17.26 8.68 -4.71
CA ARG A 202 -18.14 8.03 -3.74
C ARG A 202 -17.35 7.70 -2.48
N LEU A 203 -16.12 7.23 -2.65
CA LEU A 203 -15.27 6.89 -1.52
C LEU A 203 -14.89 8.15 -0.74
N SER A 204 -14.54 9.21 -1.46
CA SER A 204 -14.15 10.48 -0.85
C SER A 204 -15.30 11.07 -0.04
N ASN A 205 -16.50 11.07 -0.60
CA ASN A 205 -17.66 11.61 0.10
C ASN A 205 -17.94 10.77 1.35
N THR A 206 -17.73 9.46 1.26
CA THR A 206 -17.94 8.58 2.39
C THR A 206 -16.95 8.93 3.49
N LEU A 207 -15.69 9.16 3.11
CA LEU A 207 -14.66 9.49 4.09
C LEU A 207 -14.94 10.83 4.76
N GLN A 208 -15.28 11.84 3.96
CA GLN A 208 -15.56 13.16 4.50
C GLN A 208 -16.73 13.12 5.49
N THR A 209 -17.76 12.38 5.14
CA THR A 209 -18.94 12.26 6.00
C THR A 209 -18.60 11.47 7.25
N TYR A 210 -17.82 10.40 7.10
CA TYR A 210 -17.45 9.61 8.26
C TYR A 210 -16.70 10.44 9.28
N ILE A 211 -15.74 11.23 8.81
CA ILE A 211 -14.96 12.07 9.71
C ILE A 211 -15.85 13.05 10.46
N ARG A 212 -16.75 13.72 9.74
CA ARG A 212 -17.64 14.69 10.38
C ARG A 212 -18.64 14.06 11.33
N CYS A 213 -19.07 12.83 11.04
CA CYS A 213 -20.07 12.14 11.87
C CYS A 213 -19.53 11.22 12.95
N ARG A 214 -18.37 10.60 12.72
CA ARG A 214 -17.83 9.64 13.67
C ARG A 214 -16.46 9.93 14.30
N HIS A 215 -15.75 10.94 13.82
CA HIS A 215 -14.45 11.24 14.40
C HIS A 215 -14.56 12.47 15.29
N PRO A 216 -14.39 12.30 16.61
CA PRO A 216 -14.49 13.42 17.55
C PRO A 216 -13.30 14.37 17.49
N PRO A 217 -13.52 15.62 17.93
CA PRO A 217 -12.43 16.60 17.93
C PRO A 217 -11.54 16.31 19.14
N PRO A 218 -10.28 16.75 19.10
CA PRO A 218 -9.61 17.49 18.04
C PRO A 218 -9.01 16.64 16.91
N GLY A 219 -9.06 15.32 17.06
CA GLY A 219 -8.48 14.45 16.05
C GLY A 219 -9.05 14.63 14.65
N SER A 220 -10.29 15.12 14.58
CA SER A 220 -10.98 15.32 13.32
C SER A 220 -10.58 16.60 12.59
N HIS A 221 -9.86 17.48 13.27
CA HIS A 221 -9.47 18.77 12.68
C HIS A 221 -8.72 18.65 11.36
N GLN A 222 -9.33 19.19 10.30
CA GLN A 222 -8.76 19.18 8.96
C GLN A 222 -8.29 17.78 8.57
N LEU A 223 -8.86 16.75 9.19
CA LEU A 223 -8.44 15.39 8.91
C LEU A 223 -8.53 14.95 7.46
N TYR A 224 -9.62 15.28 6.77
CA TYR A 224 -9.72 14.88 5.38
C TYR A 224 -8.58 15.49 4.58
N ALA A 225 -8.35 16.79 4.78
CA ALA A 225 -7.28 17.47 4.06
C ALA A 225 -5.93 16.85 4.36
N LYS A 226 -5.68 16.53 5.62
CA LYS A 226 -4.41 15.92 6.01
C LYS A 226 -4.23 14.55 5.36
N MET A 227 -5.32 13.80 5.29
CA MET A 227 -5.28 12.47 4.69
C MET A 227 -4.99 12.54 3.20
N ILE A 228 -5.65 13.47 2.50
CA ILE A 228 -5.43 13.62 1.08
C ILE A 228 -4.00 14.12 0.83
N GLN A 229 -3.45 14.89 1.76
CA GLN A 229 -2.08 15.38 1.61
C GLN A 229 -1.13 14.18 1.67
N LYS A 230 -1.47 13.18 2.49
CA LYS A 230 -0.64 11.99 2.58
C LYS A 230 -0.62 11.29 1.21
N LEU A 231 -1.74 11.33 0.50
CA LEU A 231 -1.79 10.71 -0.82
C LEU A 231 -0.89 11.48 -1.79
N ALA A 232 -0.77 12.79 -1.59
CA ALA A 232 0.10 13.58 -2.44
C ALA A 232 1.56 13.26 -2.10
N ASP A 233 1.84 13.11 -0.81
CA ASP A 233 3.19 12.77 -0.36
C ASP A 233 3.59 11.43 -0.98
N LEU A 234 2.63 10.52 -1.08
CA LEU A 234 2.89 9.20 -1.64
C LEU A 234 3.30 9.23 -3.11
N ARG A 235 2.89 10.26 -3.85
CA ARG A 235 3.28 10.35 -5.25
C ARG A 235 4.79 10.56 -5.32
N SER A 236 5.31 11.38 -4.42
CA SER A 236 6.74 11.66 -4.36
C SER A 236 7.47 10.38 -3.95
N LEU A 237 6.96 9.71 -2.93
CA LEU A 237 7.58 8.47 -2.46
C LEU A 237 7.57 7.43 -3.57
N ASN A 238 6.48 7.37 -4.31
CA ASN A 238 6.35 6.42 -5.42
C ASN A 238 7.45 6.71 -6.44
N GLU A 239 7.56 7.98 -6.84
CA GLU A 239 8.56 8.37 -7.82
C GLU A 239 9.99 7.99 -7.43
N GLU A 240 10.38 8.33 -6.21
CA GLU A 240 11.73 8.03 -5.74
C GLU A 240 12.02 6.55 -5.51
N HIS A 241 11.07 5.85 -4.91
CA HIS A 241 11.28 4.44 -4.64
C HIS A 241 11.17 3.59 -5.90
N SER A 242 10.42 4.07 -6.89
CA SER A 242 10.30 3.34 -8.15
C SER A 242 11.60 3.49 -8.92
N LYS A 243 12.25 4.65 -8.78
CA LYS A 243 13.52 4.89 -9.45
C LYS A 243 14.52 3.90 -8.86
N GLN A 244 14.44 3.69 -7.55
CA GLN A 244 15.33 2.77 -6.85
C GLN A 244 15.06 1.34 -7.33
N TYR A 245 13.79 1.00 -7.50
CA TYR A 245 13.47 -0.34 -7.97
C TYR A 245 14.08 -0.57 -9.34
N ARG A 246 13.97 0.40 -10.22
CA ARG A 246 14.52 0.28 -11.57
C ARG A 246 16.03 0.11 -11.57
N SER A 247 16.70 0.88 -10.71
CA SER A 247 18.16 0.80 -10.62
C SER A 247 18.61 -0.54 -10.06
N LEU A 248 17.94 -0.99 -9.00
CA LEU A 248 18.29 -2.26 -8.37
C LEU A 248 18.05 -3.44 -9.31
N SER A 249 16.86 -3.49 -9.90
CA SER A 249 16.49 -4.58 -10.79
C SER A 249 17.23 -4.58 -12.13
N PHE A 250 17.91 -3.48 -12.44
CA PHE A 250 18.64 -3.39 -13.69
C PHE A 250 19.81 -4.37 -13.65
N GLN A 251 20.28 -4.67 -12.44
CA GLN A 251 21.39 -5.61 -12.27
C GLN A 251 20.79 -7.01 -12.16
N PRO A 252 21.14 -7.89 -13.11
CA PRO A 252 20.64 -9.28 -13.15
C PRO A 252 20.80 -10.03 -11.82
N GLU A 253 21.94 -9.83 -11.15
CA GLU A 253 22.18 -10.49 -9.88
C GLU A 253 21.12 -10.15 -8.85
N ASN A 254 20.59 -8.93 -8.92
CA ASN A 254 19.57 -8.51 -7.97
C ASN A 254 18.17 -8.94 -8.41
N SER A 255 17.88 -8.83 -9.71
CA SER A 255 16.57 -9.24 -10.20
C SER A 255 16.34 -10.72 -9.91
N MET A 256 17.42 -11.49 -9.94
CA MET A 256 17.37 -12.92 -9.68
C MET A 256 16.83 -13.22 -8.28
N LYS A 257 17.01 -12.28 -7.36
CA LYS A 257 16.56 -12.45 -5.99
C LYS A 257 15.12 -12.01 -5.75
N LEU A 258 14.48 -11.46 -6.77
CA LEU A 258 13.10 -10.99 -6.62
C LEU A 258 12.11 -12.14 -6.85
N THR A 259 10.87 -11.81 -7.15
CA THR A 259 9.85 -12.82 -7.40
C THR A 259 9.16 -12.55 -8.71
N PRO A 260 8.49 -13.57 -9.28
CA PRO A 260 7.79 -13.38 -10.56
C PRO A 260 6.77 -12.25 -10.49
N LEU A 261 5.97 -12.20 -9.41
CA LEU A 261 4.95 -11.17 -9.28
C LEU A 261 5.54 -9.76 -9.16
N VAL A 262 6.66 -9.63 -8.44
CA VAL A 262 7.29 -8.33 -8.30
C VAL A 262 7.76 -7.85 -9.66
N LEU A 263 8.38 -8.74 -10.43
CA LEU A 263 8.87 -8.39 -11.76
C LEU A 263 7.73 -8.02 -12.69
N GLU A 264 6.60 -8.72 -12.57
CA GLU A 264 5.46 -8.44 -13.44
C GLU A 264 4.77 -7.12 -13.10
N VAL A 265 4.48 -6.92 -11.82
CA VAL A 265 3.78 -5.71 -11.39
C VAL A 265 4.64 -4.46 -11.37
N PHE A 266 5.87 -4.57 -10.88
CA PHE A 266 6.76 -3.41 -10.80
C PHE A 266 7.54 -3.18 -12.09
N GLY A 267 7.71 -4.23 -12.88
CA GLY A 267 8.45 -4.10 -14.13
C GLY A 267 9.63 -5.05 -14.26
N ASN A 268 9.91 -5.46 -15.50
CA ASN A 268 11.00 -6.37 -15.78
C ASN A 268 11.34 -6.34 -17.27
N LYS B 1 2.97 -6.01 -22.33
CA LYS B 1 3.82 -7.00 -21.62
C LYS B 1 2.97 -8.10 -21.00
N ASN B 2 1.67 -7.85 -20.90
CA ASN B 2 0.73 -8.82 -20.33
C ASN B 2 1.01 -9.04 -18.85
N HIS B 3 -0.06 -9.17 -18.06
CA HIS B 3 0.06 -9.39 -16.63
C HIS B 3 -0.81 -10.56 -16.18
N PRO B 4 -0.43 -11.78 -16.61
CA PRO B 4 -1.16 -13.01 -16.28
C PRO B 4 -1.37 -13.24 -14.79
N MET B 5 -0.33 -13.04 -13.99
CA MET B 5 -0.44 -13.27 -12.56
C MET B 5 -1.33 -12.25 -11.87
N LEU B 6 -1.18 -10.99 -12.26
CA LEU B 6 -1.98 -9.92 -11.69
C LEU B 6 -3.45 -10.18 -12.07
N MET B 7 -3.66 -10.51 -13.34
CA MET B 7 -5.00 -10.78 -13.86
C MET B 7 -5.69 -11.91 -13.08
N ASN B 8 -4.94 -12.97 -12.79
CA ASN B 8 -5.48 -14.12 -12.07
C ASN B 8 -5.82 -13.77 -10.63
N LEU B 9 -5.02 -12.89 -10.02
CA LEU B 9 -5.27 -12.49 -8.65
C LEU B 9 -6.49 -11.57 -8.55
N LEU B 10 -6.92 -11.04 -9.70
CA LEU B 10 -8.08 -10.15 -9.75
C LEU B 10 -9.38 -10.93 -9.95
N LYS B 11 -9.27 -12.11 -10.53
CA LYS B 11 -10.44 -12.94 -10.80
C LYS B 11 -11.24 -13.20 -9.52
C29 TK3 C . 11.32 -2.92 -3.78
C30 TK3 C . 12.87 -2.66 -3.96
C31 TK3 C . 13.70 -3.86 -3.38
C32 TK3 C . 13.39 -4.01 -1.85
C33 TK3 C . 11.86 -4.29 -1.64
C34 TK3 C . 11.03 -3.11 -2.23
C37 TK3 C . 10.95 -4.27 -4.51
C36 TK3 C . 13.30 -5.18 -4.13
C38 TK3 C . 11.46 -5.61 -2.39
C35 TK3 C . 11.78 -5.47 -3.92
C26 TK3 C . 10.43 -1.82 -4.41
C25 TK3 C . 10.84 -0.31 -4.28
C24 TK3 C . 10.57 0.15 -2.92
C23 TK3 C . 10.37 0.46 -1.80
C22 TK3 C . 10.14 0.76 -0.39
C20 TK3 C . 10.19 -0.51 0.52
C17 TK3 C . 9.43 -0.32 1.89
C21 TK3 C . 11.69 -0.85 0.68
O03 TK3 C . 10.07 0.47 -5.17
C13 TK3 C . 9.29 -1.54 2.86
C14 TK3 C . 8.21 -0.95 3.83
C15 TK3 C . 7.13 -0.40 2.89
C16 TK3 C . 7.95 0.18 1.73
C12 TK3 C . 10.55 -1.84 3.75
C11 TK3 C . 10.26 -2.79 4.94
C09 TK3 C . 9.04 -2.33 5.77
C08 TK3 C . 7.82 -2.00 4.90
C18 TK3 C . 8.81 -2.84 2.10
C07 TK3 C . 6.59 -2.51 5.02
C06 TK3 C . 6.12 -3.49 6.01
C05 TK3 C . 5.10 -4.36 5.88
C04 TK3 C . 4.75 -5.28 7.02
C03 TK3 C . 3.22 -5.46 7.29
C02 TK3 C . 2.50 -5.80 5.99
C01 TK3 C . 2.73 -4.75 4.90
C10 TK3 C . 4.23 -4.52 4.63
C28 TK3 C . 1.77 -6.94 5.82
O01 TK3 C . 2.09 -5.16 3.70
O02 TK3 C . 2.67 -4.25 7.82
C1 EDO D . -17.62 -8.19 9.32
O1 EDO D . -16.54 -7.26 9.12
C2 EDO D . -17.79 -9.05 8.04
O2 EDO D . -16.62 -9.84 7.84
#